data_7E6F
#
_entry.id   7E6F
#
_cell.length_a   92.800
_cell.length_b   92.800
_cell.length_c   129.500
_cell.angle_alpha   90.000
_cell.angle_beta   90.000
_cell.angle_gamma   120.000
#
_symmetry.space_group_name_H-M   'P 31 2 1'
#
loop_
_entity.id
_entity.type
_entity.pdbx_description
1 polymer 'Cysteine desulfurase SufS'
2 non-polymer DI(HYDROXYETHYL)ETHER
3 non-polymer "4'-DEOXY-4'-AMINOPYRIDOXAL-5'-PHOSPHATE"
4 non-polymer 1,2-ETHANEDIOL
5 water water
#
_entity_poly.entity_id   1
_entity_poly.type   'polypeptide(L)'
_entity_poly.pdbx_seq_one_letter_code
;MGHMNITDIREQFPILHQQVNGHDLVYLDSAATSQKPRAVIETLDKYYNQYNSNVHRGVHTLGTRATDGYEGAREKVRKF
INAKSMAEIIFTKGTTTSLNMVALSYARANLKPGDEVVITYMEHHANIIPWQQAVKATGATLKYIPLQEDGTISLEDVRE
TVTSNTKIVAVSHVSNVLGTVNPIKEMAKIAHDNGAVIVVDGAQSTPHMKIDVQDLDCDFFALSSHKMCGPTGVGVLYGK
KALLENMEPAEFGGEMIDFVGLYESTWKELPWKFEAGTPIIAGAIGLGAAIDFLEEIGLDEISRHEHKLAAYALERFRQL
DGVTVYGPEERAGLVTFNLDDVHPHDVATVLDAEGIAVRAGHHCAQPLMKWLDVTATAAASFYLYNTEEEIDKLVEALQK
TKEYFTNVFVDLEHHHHHH
;
_entity_poly.pdbx_strand_id   A
#
loop_
_chem_comp.id
_chem_comp.type
_chem_comp.name
_chem_comp.formula
EDO non-polymer 1,2-ETHANEDIOL 'C2 H6 O2'
PEG non-polymer DI(HYDROXYETHYL)ETHER 'C4 H10 O3'
PMP non-polymer 4'-DEOXY-4'-AMINOPYRIDOXAL-5'-PHOSPHATE 'C8 H13 N2 O5 P'
#
# COMPACT_ATOMS: atom_id res chain seq x y z
N MET A 4 -14.53 19.93 -1.78
CA MET A 4 -14.61 18.57 -1.17
C MET A 4 -15.59 18.56 -0.01
N ASN A 5 -16.79 17.98 -0.17
CA ASN A 5 -17.75 17.90 0.91
C ASN A 5 -17.72 16.53 1.63
N ILE A 6 -17.35 16.48 2.92
CA ILE A 6 -17.19 15.22 3.59
C ILE A 6 -18.53 14.58 3.92
N THR A 7 -19.57 15.38 4.17
CA THR A 7 -20.89 14.77 4.34
C THR A 7 -21.30 14.03 3.08
N ASP A 8 -21.10 14.65 1.91
CA ASP A 8 -21.52 14.04 0.66
C ASP A 8 -20.72 12.77 0.39
N ILE A 9 -19.43 12.77 0.79
CA ILE A 9 -18.60 11.61 0.53
C ILE A 9 -19.03 10.49 1.48
N ARG A 10 -19.25 10.80 2.74
CA ARG A 10 -19.64 9.79 3.72
C ARG A 10 -21.00 9.19 3.36
N GLU A 11 -21.86 9.94 2.66
CA GLU A 11 -23.15 9.35 2.31
C GLU A 11 -22.93 8.20 1.34
N GLN A 12 -21.77 8.13 0.65
CA GLN A 12 -21.49 7.12 -0.38
C GLN A 12 -20.94 5.80 0.20
N PHE A 13 -20.64 5.73 1.52
CA PHE A 13 -20.05 4.59 2.17
C PHE A 13 -21.05 3.93 3.14
N PRO A 14 -21.85 2.93 2.70
CA PRO A 14 -22.85 2.30 3.58
C PRO A 14 -22.29 1.82 4.92
N ILE A 15 -21.07 1.27 4.92
CA ILE A 15 -20.54 0.59 6.09
C ILE A 15 -20.40 1.55 7.25
N LEU A 16 -20.27 2.87 7.00
CA LEU A 16 -20.01 3.79 8.10
C LEU A 16 -21.28 4.02 8.92
N HIS A 17 -22.46 3.76 8.35
CA HIS A 17 -23.72 4.07 9.03
C HIS A 17 -24.14 2.90 9.92
N GLN A 18 -23.41 2.64 10.98
CA GLN A 18 -23.76 1.53 11.87
C GLN A 18 -23.17 1.81 13.25
N GLN A 19 -23.63 1.05 14.23
CA GLN A 19 -23.07 1.17 15.57
C GLN A 19 -22.33 -0.08 15.98
N VAL A 20 -21.33 0.04 16.83
CA VAL A 20 -20.62 -1.11 17.36
C VAL A 20 -20.59 -0.94 18.86
N ASN A 21 -21.12 -1.91 19.58
CA ASN A 21 -21.08 -1.87 21.03
C ASN A 21 -21.87 -0.66 21.52
N GLY A 22 -22.91 -0.24 20.78
CA GLY A 22 -23.78 0.83 21.21
C GLY A 22 -23.31 2.23 20.82
N HIS A 23 -22.15 2.33 20.17
CA HIS A 23 -21.64 3.62 19.76
C HIS A 23 -21.48 3.70 18.25
N ASP A 24 -21.58 4.91 17.70
CA ASP A 24 -21.34 5.14 16.29
C ASP A 24 -20.00 4.53 15.89
N LEU A 25 -19.95 3.83 14.76
CA LEU A 25 -18.66 3.33 14.33
C LEU A 25 -17.74 4.51 13.96
N VAL A 26 -16.47 4.44 14.36
CA VAL A 26 -15.42 5.39 13.98
C VAL A 26 -14.25 4.58 13.43
N TYR A 27 -14.16 4.51 12.10
CA TYR A 27 -13.23 3.59 11.47
C TYR A 27 -11.90 4.29 11.23
N LEU A 28 -10.87 3.91 11.99
CA LEU A 28 -9.59 4.61 11.81
C LEU A 28 -8.49 3.61 11.48
N ASP A 29 -8.81 2.67 10.59
CA ASP A 29 -7.98 1.53 10.28
C ASP A 29 -7.76 1.41 8.76
N SER A 30 -7.79 2.55 8.06
CA SER A 30 -7.74 2.56 6.60
C SER A 30 -6.37 2.12 6.11
N ALA A 31 -5.32 2.33 6.91
CA ALA A 31 -4.00 1.81 6.55
C ALA A 31 -3.97 0.28 6.58
N ALA A 32 -4.89 -0.40 7.30
CA ALA A 32 -4.98 -1.84 7.13
C ALA A 32 -5.83 -2.19 5.90
N THR A 33 -7.00 -1.55 5.79
CA THR A 33 -7.90 -1.68 4.66
C THR A 33 -8.91 -0.53 4.65
N SER A 34 -9.16 -0.04 3.46
CA SER A 34 -10.13 1.03 3.30
C SER A 34 -11.56 0.50 3.12
N GLN A 35 -12.54 1.38 3.26
CA GLN A 35 -13.91 1.03 2.98
C GLN A 35 -14.22 1.44 1.52
N LYS A 36 -15.41 1.04 1.03
CA LYS A 36 -15.74 1.11 -0.40
C LYS A 36 -17.03 1.89 -0.63
N PRO A 37 -17.08 2.82 -1.60
CA PRO A 37 -18.34 3.50 -1.86
C PRO A 37 -19.29 2.64 -2.70
N ARG A 38 -20.61 2.96 -2.66
CA ARG A 38 -21.64 2.44 -3.54
C ARG A 38 -21.10 2.21 -4.97
N ALA A 39 -20.45 3.19 -5.58
CA ALA A 39 -20.03 3.08 -6.97
C ALA A 39 -19.23 1.80 -7.16
N VAL A 40 -18.40 1.44 -6.15
CA VAL A 40 -17.55 0.27 -6.32
C VAL A 40 -18.39 -1.01 -6.19
N ILE A 41 -19.18 -1.04 -5.12
CA ILE A 41 -19.98 -2.20 -4.79
C ILE A 41 -21.00 -2.47 -5.91
N GLU A 42 -21.63 -1.40 -6.40
CA GLU A 42 -22.57 -1.55 -7.48
C GLU A 42 -21.90 -1.92 -8.79
N THR A 43 -20.60 -1.58 -8.97
CA THR A 43 -19.90 -2.05 -10.14
C THR A 43 -19.78 -3.59 -10.13
N LEU A 44 -19.41 -4.12 -8.95
CA LEU A 44 -19.29 -5.56 -8.84
C LEU A 44 -20.65 -6.21 -9.07
N ASP A 45 -21.71 -5.63 -8.50
CA ASP A 45 -23.03 -6.23 -8.64
C ASP A 45 -23.44 -6.27 -10.11
N LYS A 46 -23.23 -5.15 -10.78
CA LYS A 46 -23.63 -5.06 -12.18
C LYS A 46 -22.86 -6.14 -12.98
N TYR A 47 -21.55 -6.31 -12.67
CA TYR A 47 -20.75 -7.29 -13.39
C TYR A 47 -21.37 -8.70 -13.25
N TYR A 48 -21.57 -9.15 -12.02
CA TYR A 48 -22.11 -10.49 -11.81
C TYR A 48 -23.58 -10.62 -12.25
N ASN A 49 -24.33 -9.52 -12.29
CA ASN A 49 -25.73 -9.59 -12.66
C ASN A 49 -25.95 -9.47 -14.16
N GLN A 50 -24.98 -8.94 -14.91
CA GLN A 50 -25.32 -8.63 -16.29
C GLN A 50 -24.31 -9.13 -17.34
N TYR A 51 -23.01 -9.15 -17.10
CA TYR A 51 -22.09 -9.36 -18.21
C TYR A 51 -20.87 -10.24 -17.84
N ASN A 52 -20.97 -10.99 -16.76
CA ASN A 52 -19.89 -11.86 -16.41
C ASN A 52 -19.71 -12.93 -17.49
N SER A 53 -18.46 -13.22 -17.82
CA SER A 53 -17.99 -14.15 -18.83
C SER A 53 -16.48 -14.20 -18.70
N ASN A 54 -15.88 -15.19 -19.30
CA ASN A 54 -14.44 -15.20 -19.49
C ASN A 54 -14.03 -14.13 -20.49
N VAL A 55 -12.78 -13.68 -20.42
CA VAL A 55 -12.37 -12.54 -21.21
C VAL A 55 -11.42 -13.01 -22.29
N HIS A 56 -11.19 -12.17 -23.31
CA HIS A 56 -10.17 -12.33 -24.35
C HIS A 56 -10.55 -13.35 -25.42
N ARG A 57 -11.80 -13.78 -25.49
CA ARG A 57 -12.15 -14.66 -26.60
C ARG A 57 -12.91 -13.88 -27.65
N GLY A 58 -13.69 -12.89 -27.20
CA GLY A 58 -14.67 -12.14 -27.95
C GLY A 58 -15.35 -12.93 -29.09
N VAL A 59 -16.12 -13.98 -28.77
CA VAL A 59 -16.92 -14.55 -29.84
C VAL A 59 -18.39 -14.41 -29.48
N HIS A 60 -18.65 -14.09 -28.22
CA HIS A 60 -20.04 -13.91 -27.87
C HIS A 60 -20.18 -12.61 -27.11
N THR A 61 -21.40 -12.05 -27.13
CA THR A 61 -21.71 -10.75 -26.60
C THR A 61 -21.19 -10.52 -25.16
N LEU A 62 -21.60 -11.36 -24.20
CA LEU A 62 -21.16 -11.13 -22.83
C LEU A 62 -19.65 -11.18 -22.73
N GLY A 63 -19.00 -12.10 -23.45
CA GLY A 63 -17.57 -12.21 -23.36
C GLY A 63 -16.91 -10.92 -23.81
N THR A 64 -17.50 -10.25 -24.78
CA THR A 64 -17.01 -9.00 -25.31
C THR A 64 -17.16 -7.90 -24.28
N ARG A 65 -18.34 -7.82 -23.66
CA ARG A 65 -18.57 -6.84 -22.62
C ARG A 65 -17.56 -6.99 -21.48
N ALA A 66 -17.35 -8.24 -21.05
CA ALA A 66 -16.43 -8.52 -19.97
C ALA A 66 -15.02 -8.09 -20.33
N THR A 67 -14.64 -8.39 -21.58
CA THR A 67 -13.30 -8.05 -22.04
C THR A 67 -13.10 -6.54 -22.02
N ASP A 68 -14.12 -5.84 -22.54
CA ASP A 68 -14.05 -4.38 -22.61
C ASP A 68 -13.95 -3.81 -21.21
N GLY A 69 -14.70 -4.38 -20.24
CA GLY A 69 -14.59 -3.94 -18.87
C GLY A 69 -13.18 -4.13 -18.29
N TYR A 70 -12.63 -5.32 -18.53
CA TYR A 70 -11.33 -5.69 -17.98
C TYR A 70 -10.19 -4.83 -18.59
N GLU A 71 -10.11 -4.76 -19.92
CA GLU A 71 -9.05 -4.00 -20.56
C GLU A 71 -9.28 -2.51 -20.34
N GLY A 72 -10.55 -2.07 -20.32
CA GLY A 72 -10.88 -0.70 -19.96
C GLY A 72 -10.30 -0.40 -18.58
N ALA A 73 -10.34 -1.38 -17.65
CA ALA A 73 -9.84 -1.11 -16.32
C ALA A 73 -8.32 -0.93 -16.39
N ARG A 74 -7.67 -1.71 -17.27
CA ARG A 74 -6.22 -1.60 -17.43
C ARG A 74 -5.84 -0.19 -17.88
N GLU A 75 -6.66 0.40 -18.75
CA GLU A 75 -6.42 1.73 -19.28
C GLU A 75 -6.65 2.79 -18.17
N LYS A 76 -7.70 2.58 -17.36
CA LYS A 76 -7.89 3.46 -16.21
C LYS A 76 -6.67 3.41 -15.28
N VAL A 77 -6.10 2.20 -15.04
CA VAL A 77 -4.91 2.16 -14.20
C VAL A 77 -3.75 2.94 -14.85
N ARG A 78 -3.60 2.75 -16.15
CA ARG A 78 -2.53 3.40 -16.86
C ARG A 78 -2.62 4.93 -16.73
N LYS A 79 -3.81 5.50 -17.01
CA LYS A 79 -3.95 6.94 -16.88
C LYS A 79 -3.72 7.35 -15.42
N PHE A 80 -4.20 6.54 -14.46
CA PHE A 80 -4.14 6.89 -13.05
C PHE A 80 -2.72 7.09 -12.54
N ILE A 81 -1.76 6.27 -12.97
CA ILE A 81 -0.38 6.42 -12.47
C ILE A 81 0.50 7.05 -13.55
N ASN A 82 -0.15 7.45 -14.65
CA ASN A 82 0.55 8.08 -15.75
C ASN A 82 1.64 7.16 -16.35
N ALA A 83 1.42 5.84 -16.49
CA ALA A 83 2.34 5.00 -17.26
C ALA A 83 2.19 5.34 -18.75
N LYS A 84 3.19 4.95 -19.54
CA LYS A 84 3.16 5.29 -20.95
C LYS A 84 2.28 4.30 -21.70
N SER A 85 2.33 3.02 -21.30
CA SER A 85 1.59 2.03 -22.07
C SER A 85 0.85 1.05 -21.15
N MET A 86 -0.30 0.55 -21.60
CA MET A 86 -0.92 -0.58 -20.94
C MET A 86 -0.01 -1.81 -20.84
N ALA A 87 1.01 -1.95 -21.71
CA ALA A 87 1.86 -3.14 -21.61
C ALA A 87 2.65 -3.14 -20.29
N GLU A 88 2.71 -1.97 -19.65
CA GLU A 88 3.46 -1.79 -18.42
C GLU A 88 2.58 -2.04 -17.19
N ILE A 89 1.28 -2.31 -17.42
CA ILE A 89 0.33 -2.46 -16.33
C ILE A 89 -0.09 -3.93 -16.24
N ILE A 90 0.34 -4.59 -15.18
CA ILE A 90 -0.01 -5.98 -14.93
C ILE A 90 -0.93 -6.12 -13.71
N PHE A 91 -2.06 -6.85 -13.85
CA PHE A 91 -2.90 -7.10 -12.69
C PHE A 91 -2.38 -8.30 -11.91
N THR A 92 -2.30 -8.17 -10.60
CA THR A 92 -1.84 -9.22 -9.70
C THR A 92 -2.84 -9.39 -8.56
N LYS A 93 -2.50 -10.25 -7.57
CA LYS A 93 -3.27 -10.45 -6.33
C LYS A 93 -3.14 -9.28 -5.34
N GLY A 94 -2.07 -8.45 -5.41
CA GLY A 94 -1.88 -7.29 -4.56
C GLY A 94 -0.43 -6.88 -4.48
N THR A 95 -0.11 -5.91 -3.64
CA THR A 95 1.25 -5.40 -3.60
C THR A 95 2.26 -6.51 -3.30
N THR A 96 1.92 -7.39 -2.35
CA THR A 96 2.85 -8.43 -1.94
C THR A 96 3.26 -9.30 -3.13
N THR A 97 2.25 -9.79 -3.85
CA THR A 97 2.48 -10.61 -5.01
C THR A 97 3.31 -9.84 -6.05
N SER A 98 2.93 -8.57 -6.31
CA SER A 98 3.69 -7.73 -7.23
C SER A 98 5.19 -7.70 -6.88
N LEU A 99 5.51 -7.43 -5.59
CA LEU A 99 6.90 -7.29 -5.17
C LEU A 99 7.60 -8.64 -5.36
N ASN A 100 6.88 -9.73 -5.07
CA ASN A 100 7.42 -11.07 -5.22
C ASN A 100 7.72 -11.38 -6.67
N MET A 101 6.84 -10.95 -7.60
CA MET A 101 7.11 -11.14 -9.01
C MET A 101 8.43 -10.47 -9.39
N VAL A 102 8.62 -9.26 -8.90
CA VAL A 102 9.86 -8.58 -9.25
C VAL A 102 11.04 -9.35 -8.65
N ALA A 103 10.92 -9.81 -7.40
CA ALA A 103 12.05 -10.43 -6.74
C ALA A 103 12.38 -11.76 -7.43
N LEU A 104 11.35 -12.50 -7.86
CA LEU A 104 11.58 -13.78 -8.50
C LEU A 104 12.14 -13.58 -9.91
N SER A 105 11.49 -12.75 -10.71
CA SER A 105 11.68 -12.74 -12.15
C SER A 105 12.78 -11.76 -12.52
N TYR A 106 13.06 -10.78 -11.66
CA TYR A 106 14.11 -9.83 -11.94
C TYR A 106 15.35 -10.14 -11.10
N ALA A 107 15.23 -10.05 -9.78
CA ALA A 107 16.33 -10.27 -8.87
C ALA A 107 16.94 -11.67 -9.06
N ARG A 108 16.16 -12.74 -8.95
CA ARG A 108 16.73 -14.08 -8.99
C ARG A 108 17.34 -14.48 -10.34
N ALA A 109 17.11 -13.73 -11.43
CA ALA A 109 17.72 -14.01 -12.72
C ALA A 109 18.94 -13.11 -12.96
N ASN A 110 19.18 -12.09 -12.13
CA ASN A 110 20.19 -11.09 -12.46
C ASN A 110 21.03 -10.71 -11.24
N LEU A 111 21.17 -11.61 -10.27
CA LEU A 111 22.04 -11.35 -9.12
C LEU A 111 23.10 -12.43 -9.10
N LYS A 112 24.38 -12.03 -8.98
CA LYS A 112 25.51 -12.94 -8.84
C LYS A 112 26.17 -12.60 -7.51
N PRO A 113 27.02 -13.46 -6.89
CA PRO A 113 27.84 -12.99 -5.76
C PRO A 113 28.66 -11.75 -6.15
N GLY A 114 28.70 -10.79 -5.24
CA GLY A 114 29.23 -9.47 -5.56
C GLY A 114 28.13 -8.42 -5.44
N ASP A 115 26.90 -8.80 -5.81
CA ASP A 115 25.79 -7.87 -6.05
C ASP A 115 25.14 -7.45 -4.74
N GLU A 116 24.66 -6.20 -4.68
CA GLU A 116 23.99 -5.72 -3.47
C GLU A 116 22.52 -5.40 -3.75
N VAL A 117 21.63 -5.71 -2.79
CA VAL A 117 20.25 -5.26 -2.79
C VAL A 117 20.09 -4.35 -1.57
N VAL A 118 19.62 -3.12 -1.77
CA VAL A 118 19.54 -2.24 -0.61
C VAL A 118 18.08 -1.95 -0.32
N ILE A 119 17.71 -2.23 0.94
CA ILE A 119 16.39 -1.89 1.42
C ILE A 119 16.52 -0.85 2.55
N THR A 120 15.43 -0.53 3.24
CA THR A 120 15.58 0.40 4.36
C THR A 120 14.97 -0.25 5.58
N TYR A 121 15.16 0.34 6.76
CA TYR A 121 14.69 -0.28 7.99
C TYR A 121 13.20 -0.06 8.19
N MET A 122 12.61 0.82 7.38
CA MET A 122 11.23 1.22 7.66
C MET A 122 10.22 0.42 6.82
N GLU A 123 10.75 -0.54 6.04
CA GLU A 123 10.00 -1.35 5.08
C GLU A 123 9.01 -2.28 5.76
N HIS A 124 7.83 -2.35 5.14
CA HIS A 124 6.86 -3.40 5.35
C HIS A 124 7.49 -4.73 4.94
N HIS A 125 7.03 -5.80 5.58
CA HIS A 125 7.60 -7.13 5.30
C HIS A 125 7.52 -7.55 3.83
N ALA A 126 6.49 -7.12 3.10
CA ALA A 126 6.39 -7.50 1.69
C ALA A 126 7.63 -7.02 0.96
N ASN A 127 8.26 -5.97 1.50
CA ASN A 127 9.41 -5.37 0.85
C ASN A 127 10.68 -5.72 1.61
N ILE A 128 10.65 -6.84 2.37
CA ILE A 128 11.83 -7.31 3.07
C ILE A 128 12.09 -8.78 2.71
N ILE A 129 11.09 -9.61 2.97
CA ILE A 129 11.30 -11.05 2.92
C ILE A 129 11.61 -11.50 1.51
N PRO A 130 10.97 -10.99 0.40
CA PRO A 130 11.31 -11.44 -0.95
C PRO A 130 12.78 -11.24 -1.27
N TRP A 131 13.35 -10.11 -0.81
CA TRP A 131 14.73 -9.77 -1.03
C TRP A 131 15.66 -10.65 -0.18
N GLN A 132 15.27 -10.88 1.07
CA GLN A 132 16.07 -11.80 1.87
C GLN A 132 16.20 -13.13 1.12
N GLN A 133 15.09 -13.58 0.49
CA GLN A 133 15.09 -14.88 -0.11
C GLN A 133 15.85 -14.84 -1.45
N ALA A 134 15.77 -13.74 -2.19
CA ALA A 134 16.51 -13.62 -3.43
C ALA A 134 18.01 -13.67 -3.14
N VAL A 135 18.44 -12.94 -2.10
CA VAL A 135 19.88 -12.93 -1.85
C VAL A 135 20.35 -14.29 -1.36
N LYS A 136 19.56 -14.96 -0.51
CA LYS A 136 19.92 -16.30 -0.11
C LYS A 136 20.02 -17.23 -1.32
N ALA A 137 19.07 -17.17 -2.25
CA ALA A 137 19.16 -18.06 -3.38
C ALA A 137 20.35 -17.70 -4.31
N THR A 138 20.88 -16.48 -4.34
CA THR A 138 21.84 -16.13 -5.38
C THR A 138 23.24 -15.85 -4.81
N GLY A 139 23.38 -15.97 -3.48
CA GLY A 139 24.59 -15.55 -2.78
C GLY A 139 24.99 -14.09 -2.97
N ALA A 140 24.04 -13.21 -3.34
CA ALA A 140 24.28 -11.78 -3.18
C ALA A 140 24.17 -11.37 -1.69
N THR A 141 24.16 -10.05 -1.41
CA THR A 141 24.17 -9.55 -0.04
C THR A 141 23.14 -8.44 0.08
N LEU A 142 22.59 -8.31 1.30
CA LEU A 142 21.51 -7.38 1.58
C LEU A 142 22.06 -6.24 2.43
N LYS A 143 21.82 -5.00 2.04
CA LYS A 143 22.19 -3.85 2.85
C LYS A 143 20.98 -2.99 3.24
N TYR A 144 21.02 -2.38 4.43
CA TYR A 144 19.95 -1.49 4.87
C TYR A 144 20.42 -0.04 4.95
N ILE A 145 19.72 0.90 4.30
CA ILE A 145 19.92 2.33 4.49
C ILE A 145 19.42 2.71 5.88
N PRO A 146 20.28 3.31 6.74
CA PRO A 146 19.89 3.70 8.10
C PRO A 146 18.89 4.87 8.13
N LEU A 147 18.22 5.02 9.27
CA LEU A 147 17.25 6.10 9.43
C LEU A 147 17.83 7.18 10.34
N GLN A 148 17.40 8.43 10.13
CA GLN A 148 17.64 9.57 11.01
C GLN A 148 16.78 9.44 12.28
N GLU A 149 16.98 10.38 13.21
CA GLU A 149 16.36 10.36 14.52
C GLU A 149 14.84 10.47 14.40
N ASP A 150 14.33 11.23 13.42
CA ASP A 150 12.89 11.43 13.28
C ASP A 150 12.25 10.35 12.39
N GLY A 151 12.99 9.28 12.08
CA GLY A 151 12.55 8.22 11.18
C GLY A 151 12.42 8.63 9.71
N THR A 152 13.10 9.69 9.24
CA THR A 152 13.24 9.92 7.81
C THR A 152 14.58 9.39 7.27
N ILE A 153 14.73 9.50 5.94
CA ILE A 153 15.89 9.00 5.24
C ILE A 153 16.62 10.21 4.65
N SER A 154 17.94 10.28 4.87
CA SER A 154 18.71 11.35 4.23
C SER A 154 19.23 10.85 2.90
N LEU A 155 19.26 11.74 1.91
CA LEU A 155 19.89 11.36 0.65
C LEU A 155 21.39 11.03 0.81
N GLU A 156 22.08 11.58 1.81
CA GLU A 156 23.49 11.28 1.98
C GLU A 156 23.71 9.81 2.36
N ASP A 157 22.87 9.35 3.29
CA ASP A 157 22.94 7.95 3.68
C ASP A 157 22.65 7.05 2.48
N VAL A 158 21.81 7.55 1.56
CA VAL A 158 21.44 6.78 0.39
C VAL A 158 22.67 6.68 -0.51
N ARG A 159 23.32 7.84 -0.78
CA ARG A 159 24.54 7.93 -1.57
C ARG A 159 25.63 7.03 -0.98
N GLU A 160 25.68 6.93 0.34
CA GLU A 160 26.63 6.10 1.06
C GLU A 160 26.33 4.61 0.87
N THR A 161 25.05 4.21 0.93
CA THR A 161 24.71 2.79 0.98
C THR A 161 24.78 2.16 -0.40
N VAL A 162 24.27 2.86 -1.41
CA VAL A 162 24.28 2.34 -2.76
C VAL A 162 25.65 2.62 -3.36
N THR A 163 26.23 1.57 -3.94
CA THR A 163 27.55 1.59 -4.52
C THR A 163 27.46 1.05 -5.94
N SER A 164 28.61 0.88 -6.59
CA SER A 164 28.61 0.48 -7.99
C SER A 164 28.14 -0.98 -8.11
N ASN A 165 28.13 -1.72 -6.99
CA ASN A 165 27.71 -3.13 -6.98
C ASN A 165 26.20 -3.31 -6.71
N THR A 166 25.49 -2.22 -6.42
CA THR A 166 24.08 -2.31 -6.14
C THR A 166 23.29 -2.59 -7.43
N LYS A 167 22.46 -3.67 -7.42
CA LYS A 167 21.60 -3.99 -8.54
C LYS A 167 20.17 -3.47 -8.32
N ILE A 168 19.68 -3.49 -7.08
CA ILE A 168 18.33 -3.09 -6.77
C ILE A 168 18.32 -2.25 -5.51
N VAL A 169 17.51 -1.18 -5.57
CA VAL A 169 17.13 -0.46 -4.37
C VAL A 169 15.61 -0.62 -4.20
N ALA A 170 15.17 -1.11 -3.04
CA ALA A 170 13.76 -1.37 -2.78
C ALA A 170 13.30 -0.53 -1.59
N VAL A 171 12.30 0.33 -1.82
CA VAL A 171 11.88 1.26 -0.80
C VAL A 171 10.39 1.58 -0.93
N SER A 172 9.80 2.02 0.18
CA SER A 172 8.40 2.40 0.27
C SER A 172 8.26 3.87 -0.12
N HIS A 173 7.22 4.20 -0.83
CA HIS A 173 6.93 5.61 -1.09
C HIS A 173 6.57 6.29 0.22
N VAL A 174 5.74 5.63 1.01
CA VAL A 174 5.16 6.14 2.23
C VAL A 174 5.19 4.99 3.21
N SER A 175 5.54 5.29 4.44
CA SER A 175 5.68 4.24 5.43
C SER A 175 4.33 4.08 6.11
N ASN A 176 3.91 2.82 6.30
CA ASN A 176 2.63 2.56 6.95
C ASN A 176 2.74 2.82 8.47
N VAL A 177 3.96 2.94 8.99
CA VAL A 177 4.16 3.10 10.43
C VAL A 177 4.55 4.52 10.80
N LEU A 178 5.57 5.06 10.16
CA LEU A 178 6.06 6.38 10.55
C LEU A 178 5.28 7.48 9.85
N GLY A 179 4.52 7.15 8.79
CA GLY A 179 3.89 8.14 7.91
C GLY A 179 4.86 9.00 7.09
N THR A 180 6.16 8.68 7.09
CA THR A 180 7.12 9.45 6.31
C THR A 180 6.80 9.24 4.83
N VAL A 181 6.95 10.32 4.06
CA VAL A 181 6.96 10.27 2.61
C VAL A 181 8.40 10.26 2.11
N ASN A 182 8.94 9.15 1.60
CA ASN A 182 10.33 9.07 1.13
C ASN A 182 10.56 9.85 -0.16
N PRO A 183 11.80 10.37 -0.36
CA PRO A 183 12.14 11.18 -1.55
C PRO A 183 12.48 10.30 -2.77
N ILE A 184 11.43 9.65 -3.29
CA ILE A 184 11.54 8.60 -4.27
C ILE A 184 12.28 9.12 -5.51
N LYS A 185 11.96 10.32 -5.96
CA LYS A 185 12.49 10.80 -7.24
C LYS A 185 14.02 10.94 -7.20
N GLU A 186 14.55 11.51 -6.12
CA GLU A 186 15.98 11.66 -5.92
C GLU A 186 16.63 10.31 -5.68
N MET A 187 15.94 9.40 -4.97
CA MET A 187 16.51 8.09 -4.76
C MET A 187 16.59 7.31 -6.09
N ALA A 188 15.66 7.60 -7.02
CA ALA A 188 15.75 6.93 -8.32
C ALA A 188 17.00 7.42 -9.06
N LYS A 189 17.23 8.74 -9.04
CA LYS A 189 18.39 9.28 -9.71
C LYS A 189 19.68 8.66 -9.15
N ILE A 190 19.76 8.48 -7.82
CA ILE A 190 20.94 7.92 -7.17
C ILE A 190 21.14 6.47 -7.63
N ALA A 191 20.04 5.70 -7.58
CA ALA A 191 20.10 4.30 -7.96
C ALA A 191 20.61 4.17 -9.40
N HIS A 192 20.03 4.98 -10.28
CA HIS A 192 20.37 4.91 -11.69
C HIS A 192 21.81 5.32 -11.93
N ASP A 193 22.31 6.31 -11.17
CA ASP A 193 23.73 6.66 -11.27
C ASP A 193 24.59 5.46 -10.97
N ASN A 194 24.14 4.54 -10.13
CA ASN A 194 25.02 3.43 -9.84
C ASN A 194 24.67 2.21 -10.67
N GLY A 195 23.78 2.37 -11.65
CA GLY A 195 23.38 1.25 -12.50
C GLY A 195 22.43 0.23 -11.84
N ALA A 196 21.58 0.70 -10.90
CA ALA A 196 20.61 -0.14 -10.25
C ALA A 196 19.19 0.25 -10.72
N VAL A 197 18.25 -0.67 -10.58
CA VAL A 197 16.84 -0.34 -10.72
C VAL A 197 16.27 0.00 -9.33
N ILE A 198 15.23 0.85 -9.32
CA ILE A 198 14.47 1.03 -8.07
C ILE A 198 13.06 0.39 -8.12
N VAL A 199 12.71 -0.37 -7.05
CA VAL A 199 11.38 -0.93 -6.88
C VAL A 199 10.67 -0.13 -5.78
N VAL A 200 9.54 0.50 -6.14
CA VAL A 200 8.77 1.28 -5.18
C VAL A 200 7.57 0.48 -4.68
N ASP A 201 7.49 0.32 -3.35
CA ASP A 201 6.27 -0.15 -2.70
C ASP A 201 5.28 1.02 -2.49
N GLY A 202 4.26 1.10 -3.35
CA GLY A 202 3.37 2.26 -3.38
C GLY A 202 1.99 1.93 -2.83
N ALA A 203 1.90 0.89 -1.99
CA ALA A 203 0.71 0.52 -1.24
C ALA A 203 0.07 1.66 -0.42
N GLN A 204 0.90 2.45 0.28
CA GLN A 204 0.39 3.47 1.20
C GLN A 204 0.36 4.87 0.54
N SER A 205 0.91 5.05 -0.66
CA SER A 205 0.94 6.36 -1.28
C SER A 205 -0.22 6.47 -2.25
N THR A 206 -0.44 5.41 -3.03
CA THR A 206 -1.39 5.46 -4.14
C THR A 206 -2.77 5.89 -3.69
N PRO A 207 -3.30 5.46 -2.54
CA PRO A 207 -4.65 5.92 -2.18
C PRO A 207 -4.80 7.39 -1.82
N HIS A 208 -3.69 8.11 -1.55
CA HIS A 208 -3.59 9.31 -0.74
C HIS A 208 -3.03 10.51 -1.50
N MET A 209 -2.37 10.28 -2.66
CA MET A 209 -1.69 11.35 -3.40
C MET A 209 -1.51 10.94 -4.85
N LYS A 210 -1.59 11.88 -5.85
CA LYS A 210 -1.18 11.78 -7.26
C LYS A 210 0.11 10.96 -7.40
N ILE A 211 0.06 9.93 -8.24
CA ILE A 211 1.25 9.13 -8.55
C ILE A 211 1.61 9.38 -10.01
N ASP A 212 2.86 9.73 -10.26
CA ASP A 212 3.23 9.94 -11.63
C ASP A 212 4.54 9.23 -11.86
N VAL A 213 4.45 8.01 -12.40
CA VAL A 213 5.62 7.16 -12.48
C VAL A 213 6.64 7.74 -13.45
N GLN A 214 6.21 8.64 -14.33
CA GLN A 214 7.16 9.29 -15.23
C GLN A 214 7.95 10.36 -14.48
N ASP A 215 7.27 11.14 -13.67
CA ASP A 215 7.94 12.03 -12.75
C ASP A 215 8.82 11.28 -11.74
N LEU A 216 8.37 10.17 -11.15
CA LEU A 216 9.17 9.52 -10.11
C LEU A 216 10.34 8.83 -10.78
N ASP A 217 10.15 8.42 -12.03
CA ASP A 217 11.14 7.69 -12.78
C ASP A 217 11.44 6.34 -12.14
N CYS A 218 10.48 5.74 -11.42
CA CYS A 218 10.79 4.41 -10.92
C CYS A 218 10.70 3.34 -12.01
N ASP A 219 11.36 2.20 -11.74
CA ASP A 219 11.49 1.07 -12.66
C ASP A 219 10.31 0.12 -12.46
N PHE A 220 9.96 -0.09 -11.20
CA PHE A 220 8.84 -0.90 -10.80
C PHE A 220 8.06 -0.17 -9.70
N PHE A 221 6.75 -0.40 -9.63
CA PHE A 221 5.88 0.28 -8.68
C PHE A 221 4.68 -0.61 -8.42
N ALA A 222 4.42 -0.85 -7.14
CA ALA A 222 3.43 -1.83 -6.73
C ALA A 222 2.33 -1.16 -5.91
N LEU A 223 1.07 -1.58 -6.09
CA LEU A 223 -0.02 -1.03 -5.30
C LEU A 223 -1.15 -2.07 -5.12
N SER A 224 -2.06 -1.83 -4.18
CA SER A 224 -3.10 -2.75 -3.75
C SER A 224 -4.49 -2.08 -3.85
N SER A 225 -5.45 -2.70 -4.52
CA SER A 225 -6.79 -2.16 -4.61
C SER A 225 -7.46 -1.94 -3.24
N HIS A 226 -7.29 -2.84 -2.29
CA HIS A 226 -8.10 -2.77 -1.09
C HIS A 226 -7.74 -1.55 -0.25
N LYS A 227 -6.62 -0.90 -0.57
CA LYS A 227 -6.21 0.25 0.21
C LYS A 227 -6.78 1.55 -0.37
N MET A 228 -7.45 1.47 -1.50
CA MET A 228 -7.87 2.69 -2.17
C MET A 228 -9.31 2.52 -2.65
N CYS A 229 -10.17 1.92 -1.81
CA CYS A 229 -11.59 1.91 -2.11
C CYS A 229 -11.94 0.81 -3.09
N GLY A 230 -10.94 -0.03 -3.44
CA GLY A 230 -11.14 -1.05 -4.47
C GLY A 230 -11.53 -2.41 -3.88
N PRO A 231 -11.95 -3.38 -4.73
CA PRO A 231 -12.21 -4.75 -4.28
C PRO A 231 -10.93 -5.33 -3.67
N THR A 232 -11.13 -6.22 -2.74
CA THR A 232 -10.15 -7.11 -2.12
C THR A 232 -9.53 -8.04 -3.17
N GLY A 233 -8.33 -8.55 -2.98
CA GLY A 233 -7.86 -9.55 -3.92
C GLY A 233 -7.20 -9.01 -5.20
N VAL A 234 -6.98 -7.70 -5.34
CA VAL A 234 -6.39 -7.33 -6.60
C VAL A 234 -5.36 -6.25 -6.39
N GLY A 235 -4.34 -6.29 -7.23
CA GLY A 235 -3.30 -5.28 -7.15
C GLY A 235 -2.72 -5.04 -8.54
N VAL A 236 -1.73 -4.15 -8.62
CA VAL A 236 -1.06 -3.88 -9.87
C VAL A 236 0.47 -3.91 -9.71
N LEU A 237 1.13 -4.38 -10.77
CA LEU A 237 2.56 -4.18 -10.94
C LEU A 237 2.76 -3.27 -12.14
N TYR A 238 3.35 -2.10 -11.90
CA TYR A 238 3.87 -1.36 -13.02
C TYR A 238 5.36 -1.66 -13.18
N GLY A 239 5.80 -1.83 -14.42
CA GLY A 239 7.23 -1.94 -14.70
C GLY A 239 7.56 -1.29 -16.03
N LYS A 240 8.78 -0.78 -16.16
CA LYS A 240 9.18 -0.13 -17.39
C LYS A 240 9.17 -1.18 -18.47
N LYS A 241 8.52 -0.88 -19.62
CA LYS A 241 8.33 -1.82 -20.72
C LYS A 241 9.62 -2.56 -21.08
N ALA A 242 10.79 -1.85 -21.11
CA ALA A 242 12.06 -2.45 -21.50
C ALA A 242 12.51 -3.49 -20.48
N LEU A 243 12.28 -3.23 -19.19
CA LEU A 243 12.61 -4.25 -18.20
C LEU A 243 11.64 -5.43 -18.28
N LEU A 244 10.32 -5.16 -18.41
CA LEU A 244 9.38 -6.26 -18.41
C LEU A 244 9.60 -7.12 -19.66
N GLU A 245 10.09 -6.53 -20.77
CA GLU A 245 10.32 -7.30 -21.99
C GLU A 245 11.37 -8.38 -21.73
N ASN A 246 12.28 -8.18 -20.77
CA ASN A 246 13.38 -9.11 -20.62
C ASN A 246 13.22 -10.04 -19.43
N MET A 247 12.09 -9.91 -18.73
CA MET A 247 11.85 -10.77 -17.59
C MET A 247 11.05 -12.01 -18.00
N GLU A 248 11.40 -13.15 -17.40
CA GLU A 248 10.62 -14.36 -17.57
C GLU A 248 9.39 -14.29 -16.68
N PRO A 249 8.26 -14.89 -17.11
CA PRO A 249 7.06 -14.94 -16.29
C PRO A 249 7.26 -15.63 -14.93
N ALA A 250 6.45 -15.27 -13.93
CA ALA A 250 6.60 -15.87 -12.61
C ALA A 250 5.77 -17.15 -12.54
N GLU A 251 4.65 -17.15 -13.27
CA GLU A 251 3.79 -18.31 -13.30
C GLU A 251 3.37 -18.60 -14.73
N PHE A 252 3.05 -19.89 -14.99
CA PHE A 252 2.84 -20.40 -16.33
C PHE A 252 1.48 -21.07 -16.43
N GLY A 253 0.83 -20.92 -17.59
CA GLY A 253 -0.37 -21.70 -17.86
C GLY A 253 -1.11 -21.11 -19.04
N GLY A 254 -2.42 -21.33 -19.08
CA GLY A 254 -3.21 -20.75 -20.15
C GLY A 254 -3.21 -19.23 -20.06
N GLU A 255 -3.49 -18.57 -21.22
CA GLU A 255 -3.64 -17.12 -21.23
C GLU A 255 -2.30 -16.45 -21.47
N MET A 256 -1.23 -16.93 -20.82
CA MET A 256 0.06 -16.29 -21.11
C MET A 256 0.88 -16.95 -22.23
N ILE A 257 0.41 -18.01 -22.89
CA ILE A 257 1.19 -18.70 -23.92
C ILE A 257 0.74 -18.27 -25.31
N ASP A 258 1.64 -18.47 -26.27
CA ASP A 258 1.33 -18.30 -27.67
C ASP A 258 1.29 -19.64 -28.40
N PHE A 259 2.42 -20.31 -28.55
CA PHE A 259 2.43 -21.70 -28.99
C PHE A 259 2.94 -22.59 -27.85
N VAL A 260 2.27 -23.73 -27.66
CA VAL A 260 2.63 -24.72 -26.66
C VAL A 260 2.93 -26.01 -27.40
N GLY A 261 4.20 -26.44 -27.32
CA GLY A 261 4.58 -27.77 -27.74
C GLY A 261 4.64 -28.70 -26.53
N LEU A 262 4.95 -29.99 -26.79
CA LEU A 262 5.13 -30.97 -25.75
C LEU A 262 6.21 -30.57 -24.72
N TYR A 263 7.27 -29.88 -25.17
CA TYR A 263 8.40 -29.71 -24.28
C TYR A 263 8.69 -28.24 -23.99
N GLU A 264 8.34 -27.36 -24.93
CA GLU A 264 8.73 -25.95 -24.96
C GLU A 264 7.45 -25.22 -25.31
N SER A 265 7.44 -23.91 -24.99
CA SER A 265 6.28 -23.04 -25.18
C SER A 265 6.78 -21.64 -25.40
N THR A 266 6.03 -20.81 -26.13
CA THR A 266 6.35 -19.39 -26.28
C THR A 266 5.31 -18.50 -25.58
N TRP A 267 5.67 -17.25 -25.28
CA TRP A 267 4.84 -16.42 -24.43
C TRP A 267 4.08 -15.40 -25.27
N LYS A 268 2.94 -14.89 -24.75
CA LYS A 268 2.29 -13.73 -25.30
C LYS A 268 3.20 -12.51 -25.14
N GLU A 269 2.87 -11.46 -25.92
CA GLU A 269 3.26 -10.07 -25.66
C GLU A 269 2.88 -9.64 -24.23
N LEU A 270 3.55 -8.58 -23.71
CA LEU A 270 3.10 -7.85 -22.53
C LEU A 270 1.71 -7.29 -22.82
N PRO A 271 0.82 -7.10 -21.84
CA PRO A 271 1.03 -7.54 -20.47
C PRO A 271 0.71 -9.01 -20.16
N TRP A 272 0.05 -9.69 -21.11
CA TRP A 272 -0.55 -11.01 -20.91
C TRP A 272 0.49 -12.06 -20.57
N LYS A 273 1.72 -11.80 -20.98
CA LYS A 273 2.86 -12.62 -20.61
C LYS A 273 2.92 -12.86 -19.11
N PHE A 274 2.43 -11.89 -18.31
CA PHE A 274 2.54 -12.02 -16.86
C PHE A 274 1.22 -12.36 -16.19
N GLU A 275 0.21 -12.80 -16.94
CA GLU A 275 -1.07 -13.08 -16.28
C GLU A 275 -1.51 -14.52 -16.60
N ALA A 276 -1.09 -15.48 -15.78
CA ALA A 276 -1.41 -16.87 -16.04
C ALA A 276 -2.82 -17.13 -15.52
N GLY A 277 -3.65 -17.84 -16.31
CA GLY A 277 -4.95 -18.26 -15.77
C GLY A 277 -6.08 -17.26 -16.00
N THR A 278 -7.28 -17.60 -15.61
CA THR A 278 -8.41 -16.68 -15.73
C THR A 278 -8.10 -15.49 -14.86
N PRO A 279 -8.12 -14.26 -15.37
CA PRO A 279 -7.65 -13.14 -14.55
C PRO A 279 -8.68 -12.75 -13.52
N ILE A 280 -8.35 -11.81 -12.65
CA ILE A 280 -9.26 -11.35 -11.60
C ILE A 280 -10.28 -10.38 -12.18
N ILE A 281 -11.31 -10.90 -12.84
CA ILE A 281 -12.04 -10.06 -13.76
C ILE A 281 -12.75 -8.99 -12.98
N ALA A 282 -13.61 -9.45 -12.06
CA ALA A 282 -14.52 -8.51 -11.40
C ALA A 282 -13.70 -7.55 -10.53
N GLY A 283 -12.65 -8.06 -9.87
CA GLY A 283 -11.93 -7.16 -8.99
C GLY A 283 -11.24 -6.07 -9.76
N ALA A 284 -10.69 -6.41 -10.93
CA ALA A 284 -10.06 -5.43 -11.80
C ALA A 284 -11.10 -4.38 -12.27
N ILE A 285 -12.31 -4.82 -12.64
CA ILE A 285 -13.29 -3.84 -13.10
C ILE A 285 -13.73 -2.93 -11.94
N GLY A 286 -13.87 -3.49 -10.74
CA GLY A 286 -14.19 -2.72 -9.56
C GLY A 286 -13.10 -1.71 -9.24
N LEU A 287 -11.83 -2.14 -9.41
CA LEU A 287 -10.73 -1.23 -9.16
C LEU A 287 -10.80 -0.04 -10.11
N GLY A 288 -11.16 -0.30 -11.37
CA GLY A 288 -11.50 0.76 -12.31
C GLY A 288 -12.52 1.73 -11.72
N ALA A 289 -13.54 1.16 -11.09
CA ALA A 289 -14.59 2.01 -10.57
C ALA A 289 -14.06 2.88 -9.44
N ALA A 290 -13.16 2.31 -8.60
CA ALA A 290 -12.56 3.01 -7.48
C ALA A 290 -11.73 4.18 -7.99
N ILE A 291 -10.98 3.91 -9.08
CA ILE A 291 -10.15 4.95 -9.67
C ILE A 291 -11.05 6.09 -10.15
N ASP A 292 -12.16 5.76 -10.84
CA ASP A 292 -13.05 6.82 -11.32
C ASP A 292 -13.55 7.66 -10.16
N PHE A 293 -13.88 7.01 -9.06
CA PHE A 293 -14.39 7.67 -7.89
C PHE A 293 -13.35 8.66 -7.31
N LEU A 294 -12.11 8.17 -7.11
CA LEU A 294 -11.08 9.04 -6.53
C LEU A 294 -10.71 10.20 -7.47
N GLU A 295 -10.72 9.94 -8.80
CA GLU A 295 -10.40 10.98 -9.76
C GLU A 295 -11.51 12.03 -9.78
N GLU A 296 -12.75 11.64 -9.51
CA GLU A 296 -13.81 12.61 -9.44
C GLU A 296 -13.65 13.50 -8.21
N ILE A 297 -13.17 12.96 -7.10
CA ILE A 297 -12.98 13.83 -5.97
C ILE A 297 -11.75 14.69 -6.22
N GLY A 298 -10.75 14.16 -6.94
CA GLY A 298 -9.45 14.80 -7.07
C GLY A 298 -8.45 14.26 -6.05
N LEU A 299 -7.35 13.64 -6.51
CA LEU A 299 -6.29 13.16 -5.61
C LEU A 299 -5.63 14.29 -4.83
N ASP A 300 -5.51 15.49 -5.43
CA ASP A 300 -4.94 16.61 -4.68
C ASP A 300 -5.82 17.08 -3.53
N GLU A 301 -7.11 17.11 -3.78
CA GLU A 301 -8.12 17.34 -2.77
C GLU A 301 -8.02 16.32 -1.65
N ILE A 302 -7.95 15.03 -2.02
CA ILE A 302 -7.81 14.00 -1.00
C ILE A 302 -6.54 14.24 -0.17
N SER A 303 -5.44 14.51 -0.87
CA SER A 303 -4.19 14.82 -0.22
C SER A 303 -4.28 15.98 0.80
N ARG A 304 -4.90 17.09 0.37
CA ARG A 304 -5.11 18.25 1.22
C ARG A 304 -5.92 17.88 2.45
N HIS A 305 -7.02 17.11 2.26
CA HIS A 305 -7.82 16.65 3.37
C HIS A 305 -6.97 15.89 4.39
N GLU A 306 -6.12 15.00 3.89
CA GLU A 306 -5.30 14.18 4.74
C GLU A 306 -4.28 15.01 5.51
N HIS A 307 -3.75 16.08 4.87
CA HIS A 307 -2.87 17.02 5.54
C HIS A 307 -3.57 17.68 6.72
N LYS A 308 -4.82 18.13 6.45
CA LYS A 308 -5.59 18.73 7.52
C LYS A 308 -5.77 17.77 8.70
N LEU A 309 -6.23 16.54 8.42
CA LEU A 309 -6.50 15.63 9.53
C LEU A 309 -5.19 15.29 10.27
N ALA A 310 -4.08 15.07 9.53
CA ALA A 310 -2.89 14.67 10.23
C ALA A 310 -2.38 15.80 11.14
N ALA A 311 -2.41 17.05 10.64
CA ALA A 311 -1.95 18.17 11.47
C ALA A 311 -2.81 18.30 12.73
N TYR A 312 -4.12 18.13 12.56
CA TYR A 312 -5.04 18.24 13.66
C TYR A 312 -4.77 17.15 14.71
N ALA A 313 -4.56 15.92 14.24
CA ALA A 313 -4.22 14.81 15.12
C ALA A 313 -2.90 15.05 15.84
N LEU A 314 -1.85 15.53 15.17
CA LEU A 314 -0.59 15.69 15.90
C LEU A 314 -0.78 16.73 17.00
N GLU A 315 -1.52 17.82 16.70
CA GLU A 315 -1.75 18.83 17.72
C GLU A 315 -2.50 18.23 18.93
N ARG A 316 -3.58 17.49 18.68
CA ARG A 316 -4.37 16.99 19.78
C ARG A 316 -3.64 15.88 20.54
N PHE A 317 -2.78 15.12 19.89
CA PHE A 317 -1.98 14.13 20.59
C PHE A 317 -0.99 14.82 21.51
N ARG A 318 -0.39 15.95 21.04
CA ARG A 318 0.57 16.68 21.86
C ARG A 318 -0.11 17.26 23.11
N GLN A 319 -1.44 17.34 23.12
CA GLN A 319 -2.18 17.89 24.25
C GLN A 319 -2.39 16.80 25.30
N LEU A 320 -2.11 15.52 24.98
CA LEU A 320 -2.30 14.46 25.96
C LEU A 320 -0.97 14.18 26.63
N ASP A 321 -1.03 13.95 27.92
CA ASP A 321 0.17 13.57 28.67
C ASP A 321 0.36 12.07 28.53
N GLY A 322 1.61 11.65 28.44
CA GLY A 322 1.95 10.25 28.58
C GLY A 322 1.67 9.48 27.29
N VAL A 323 1.75 10.17 26.15
CA VAL A 323 1.60 9.50 24.86
C VAL A 323 2.83 9.85 24.06
N THR A 324 3.40 8.85 23.40
CA THR A 324 4.55 9.07 22.55
C THR A 324 4.06 8.86 21.12
N VAL A 325 4.40 9.80 20.24
CA VAL A 325 4.07 9.65 18.84
C VAL A 325 5.37 9.35 18.07
N TYR A 326 5.35 8.43 17.13
CA TYR A 326 6.56 8.12 16.36
C TYR A 326 6.47 8.72 14.96
N GLY A 327 7.62 9.13 14.46
CA GLY A 327 7.67 9.64 13.11
C GLY A 327 7.87 11.15 13.08
N PRO A 328 8.00 11.75 11.87
CA PRO A 328 8.26 13.18 11.75
C PRO A 328 7.01 14.07 11.78
N GLU A 329 7.23 15.39 11.64
CA GLU A 329 6.14 16.36 11.64
C GLU A 329 5.46 16.29 10.30
N GLU A 330 6.24 16.33 9.21
CA GLU A 330 5.72 16.25 7.84
C GLU A 330 5.36 14.79 7.49
N ARG A 331 4.08 14.48 7.20
CA ARG A 331 3.69 13.07 7.16
C ARG A 331 2.40 12.83 6.39
N ALA A 332 2.21 11.59 5.92
CA ALA A 332 0.90 11.11 5.45
C ALA A 332 -0.10 11.01 6.61
N GLY A 333 -1.38 10.73 6.30
CA GLY A 333 -2.48 10.76 7.25
C GLY A 333 -2.54 9.51 8.14
N LEU A 334 -1.51 9.32 8.96
CA LEU A 334 -1.57 8.32 10.01
C LEU A 334 -0.65 8.70 11.17
N VAL A 335 -1.03 8.25 12.37
CA VAL A 335 -0.30 8.43 13.60
C VAL A 335 -0.11 7.06 14.26
N THR A 336 1.16 6.67 14.51
CA THR A 336 1.52 5.55 15.37
C THR A 336 1.95 6.06 16.75
N PHE A 337 1.54 5.34 17.80
CA PHE A 337 1.61 5.92 19.14
C PHE A 337 1.59 4.82 20.19
N ASN A 338 1.99 5.19 21.41
CA ASN A 338 1.83 4.33 22.55
C ASN A 338 1.37 5.19 23.72
N LEU A 339 0.46 4.69 24.55
CA LEU A 339 0.27 5.22 25.88
C LEU A 339 1.37 4.65 26.75
N ASP A 340 2.16 5.53 27.35
CA ASP A 340 3.10 5.22 28.43
C ASP A 340 2.38 4.31 29.42
N ASP A 341 2.92 3.10 29.63
CA ASP A 341 2.43 2.28 30.72
C ASP A 341 1.14 1.52 30.36
N VAL A 342 0.56 1.68 29.17
CA VAL A 342 -0.48 0.74 28.76
C VAL A 342 -0.08 0.00 27.48
N HIS A 343 -0.30 -1.31 27.48
CA HIS A 343 0.02 -2.09 26.29
C HIS A 343 -0.96 -1.72 25.17
N PRO A 344 -0.45 -1.55 23.92
CA PRO A 344 -1.29 -1.16 22.79
C PRO A 344 -2.48 -2.08 22.43
N HIS A 345 -2.37 -3.39 22.68
CA HIS A 345 -3.49 -4.28 22.49
C HIS A 345 -4.66 -3.88 23.39
N ASP A 346 -4.35 -3.58 24.66
CA ASP A 346 -5.36 -3.14 25.61
C ASP A 346 -5.99 -1.82 25.19
N VAL A 347 -5.15 -0.89 24.73
CA VAL A 347 -5.66 0.37 24.23
C VAL A 347 -6.69 0.08 23.13
N ALA A 348 -6.32 -0.74 22.14
CA ALA A 348 -7.17 -0.99 21.01
C ALA A 348 -8.46 -1.67 21.44
N THR A 349 -8.41 -2.63 22.40
CA THR A 349 -9.63 -3.31 22.79
C THR A 349 -10.57 -2.34 23.52
N VAL A 350 -9.99 -1.48 24.39
CA VAL A 350 -10.81 -0.51 25.09
C VAL A 350 -11.41 0.48 24.08
N LEU A 351 -10.61 0.85 23.05
CA LEU A 351 -11.09 1.78 22.04
C LEU A 351 -12.25 1.19 21.26
N ASP A 352 -12.20 -0.13 21.02
CA ASP A 352 -13.26 -0.82 20.29
C ASP A 352 -14.54 -0.82 21.11
N ALA A 353 -14.43 -0.95 22.45
CA ALA A 353 -15.64 -0.85 23.26
C ALA A 353 -16.32 0.53 23.10
N GLU A 354 -15.59 1.54 22.63
CA GLU A 354 -16.13 2.87 22.37
C GLU A 354 -16.52 3.05 20.89
N GLY A 355 -16.41 1.98 20.06
CA GLY A 355 -16.78 2.08 18.65
C GLY A 355 -15.60 2.46 17.74
N ILE A 356 -14.37 2.47 18.30
CA ILE A 356 -13.25 3.04 17.57
C ILE A 356 -12.32 1.92 17.07
N ALA A 357 -12.10 1.91 15.75
CA ALA A 357 -11.26 0.88 15.18
C ALA A 357 -9.87 1.43 14.85
N VAL A 358 -8.85 0.87 15.51
CA VAL A 358 -7.45 1.19 15.25
C VAL A 358 -6.70 -0.14 15.20
N ARG A 359 -5.41 -0.12 14.86
CA ARG A 359 -4.56 -1.31 14.73
C ARG A 359 -3.60 -1.32 15.93
N ALA A 360 -3.28 -2.50 16.48
CA ALA A 360 -2.22 -2.65 17.49
C ALA A 360 -1.36 -3.85 17.12
N GLY A 361 -0.05 -3.76 17.30
CA GLY A 361 0.82 -4.85 16.91
C GLY A 361 2.13 -4.32 16.32
N HIS A 362 2.70 -5.12 15.40
CA HIS A 362 4.04 -4.96 14.85
C HIS A 362 3.95 -4.23 13.49
N HIS A 363 2.73 -4.09 12.96
CA HIS A 363 2.39 -3.43 11.70
C HIS A 363 3.15 -4.01 10.51
N CYS A 364 3.48 -5.33 10.57
CA CYS A 364 4.26 -5.97 9.53
C CYS A 364 5.58 -5.22 9.28
N ALA A 365 6.16 -4.68 10.38
CA ALA A 365 7.43 -3.97 10.32
C ALA A 365 8.26 -4.24 11.57
N GLN A 366 8.63 -5.52 11.76
CA GLN A 366 9.29 -5.96 12.99
C GLN A 366 10.66 -5.28 13.13
N PRO A 367 11.49 -5.23 12.06
CA PRO A 367 12.78 -4.55 12.17
C PRO A 367 12.58 -3.10 12.59
N LEU A 368 11.53 -2.45 12.07
CA LEU A 368 11.29 -1.07 12.44
C LEU A 368 10.84 -0.97 13.88
N MET A 369 10.06 -1.94 14.37
CA MET A 369 9.68 -1.97 15.78
C MET A 369 10.94 -2.05 16.65
N LYS A 370 11.93 -2.88 16.24
CA LYS A 370 13.16 -3.04 17.03
C LYS A 370 13.92 -1.70 17.06
N TRP A 371 14.04 -1.06 15.90
CA TRP A 371 14.67 0.24 15.77
C TRP A 371 14.00 1.28 16.67
N LEU A 372 12.66 1.23 16.86
CA LEU A 372 11.99 2.23 17.66
C LEU A 372 12.16 1.85 19.14
N ASP A 373 12.68 0.63 19.35
CA ASP A 373 12.89 0.12 20.70
C ASP A 373 11.56 -0.22 21.38
N VAL A 374 10.59 -0.85 20.69
CA VAL A 374 9.28 -1.23 21.27
C VAL A 374 8.91 -2.63 20.78
N THR A 375 7.97 -3.30 21.47
CA THR A 375 7.41 -4.56 20.97
C THR A 375 6.24 -4.31 20.02
N ALA A 376 5.39 -3.33 20.36
CA ALA A 376 4.18 -3.09 19.60
C ALA A 376 3.85 -1.62 19.67
N THR A 377 2.94 -1.21 18.79
CA THR A 377 2.39 0.13 18.88
C THR A 377 0.92 0.07 18.52
N ALA A 378 0.24 1.19 18.79
CA ALA A 378 -1.10 1.42 18.29
C ALA A 378 -1.00 2.40 17.13
N ALA A 379 -1.94 2.29 16.19
CA ALA A 379 -1.88 3.16 15.01
C ALA A 379 -3.29 3.52 14.57
N ALA A 380 -3.45 4.78 14.13
CA ALA A 380 -4.70 5.27 13.61
C ALA A 380 -4.42 5.89 12.26
N SER A 381 -5.34 5.72 11.30
CA SER A 381 -5.12 6.18 9.92
C SER A 381 -6.37 6.88 9.42
N PHE A 382 -6.18 8.00 8.72
CA PHE A 382 -7.30 8.77 8.22
C PHE A 382 -7.41 8.64 6.71
N TYR A 383 -8.60 8.85 6.21
CA TYR A 383 -8.91 8.68 4.82
C TYR A 383 -10.02 9.68 4.47
N LEU A 384 -10.53 9.57 3.24
CA LEU A 384 -11.32 10.67 2.73
C LEU A 384 -12.68 10.69 3.39
N TYR A 385 -12.99 9.68 4.20
CA TYR A 385 -14.28 9.63 4.87
C TYR A 385 -14.18 10.07 6.35
N ASN A 386 -12.96 10.42 6.80
CA ASN A 386 -12.69 10.73 8.18
C ASN A 386 -12.83 12.23 8.41
N THR A 387 -13.19 12.60 9.64
CA THR A 387 -13.33 14.00 9.96
C THR A 387 -12.56 14.35 11.23
N GLU A 388 -12.47 15.67 11.49
CA GLU A 388 -11.91 16.21 12.72
C GLU A 388 -12.68 15.71 13.94
N GLU A 389 -14.01 15.66 13.82
CA GLU A 389 -14.82 15.09 14.90
C GLU A 389 -14.33 13.68 15.30
N GLU A 390 -13.92 12.87 14.32
CA GLU A 390 -13.50 11.52 14.62
C GLU A 390 -12.21 11.50 15.43
N ILE A 391 -11.30 12.44 15.07
CA ILE A 391 -10.06 12.54 15.84
C ILE A 391 -10.35 13.06 17.26
N ASP A 392 -11.33 13.96 17.40
CA ASP A 392 -11.77 14.34 18.75
C ASP A 392 -12.21 13.12 19.55
N LYS A 393 -13.06 12.28 18.96
CA LYS A 393 -13.51 11.12 19.71
C LYS A 393 -12.32 10.23 20.05
N LEU A 394 -11.32 10.16 19.17
CA LEU A 394 -10.19 9.29 19.48
C LEU A 394 -9.42 9.85 20.68
N VAL A 395 -9.14 11.18 20.67
CA VAL A 395 -8.33 11.75 21.74
C VAL A 395 -9.08 11.71 23.06
N GLU A 396 -10.42 11.88 23.02
CA GLU A 396 -11.21 11.78 24.25
C GLU A 396 -11.13 10.36 24.80
N ALA A 397 -11.24 9.37 23.90
CA ALA A 397 -11.21 8.01 24.38
C ALA A 397 -9.83 7.64 24.91
N LEU A 398 -8.77 8.22 24.35
CA LEU A 398 -7.45 7.94 24.88
C LEU A 398 -7.27 8.58 26.24
N GLN A 399 -7.84 9.78 26.45
CA GLN A 399 -7.81 10.43 27.76
C GLN A 399 -8.50 9.55 28.80
N LYS A 400 -9.70 9.08 28.41
CA LYS A 400 -10.51 8.26 29.28
C LYS A 400 -9.78 6.94 29.59
N THR A 401 -9.09 6.37 28.61
CA THR A 401 -8.34 5.14 28.81
C THR A 401 -7.19 5.38 29.79
N LYS A 402 -6.51 6.52 29.67
CA LYS A 402 -5.46 6.85 30.63
C LYS A 402 -6.01 6.87 32.07
N GLU A 403 -7.12 7.59 32.24
CA GLU A 403 -7.77 7.66 33.54
C GLU A 403 -8.18 6.27 34.04
N TYR A 404 -8.74 5.46 33.15
CA TYR A 404 -9.25 4.16 33.57
C TYR A 404 -8.11 3.25 34.02
N PHE A 405 -7.01 3.18 33.26
CA PHE A 405 -5.93 2.31 33.70
C PHE A 405 -5.30 2.79 35.00
N THR A 406 -5.10 4.12 35.12
CA THR A 406 -4.49 4.68 36.32
C THR A 406 -5.38 4.35 37.52
N ASN A 407 -6.68 4.54 37.35
CA ASN A 407 -7.61 4.27 38.43
C ASN A 407 -7.48 2.84 38.89
N VAL A 408 -7.49 1.87 37.96
CA VAL A 408 -7.42 0.47 38.34
C VAL A 408 -6.08 0.19 39.07
N PHE A 409 -4.99 0.81 38.55
CA PHE A 409 -3.69 0.62 39.18
C PHE A 409 -3.76 1.08 40.63
N VAL A 410 -4.25 2.30 40.86
CA VAL A 410 -4.26 2.89 42.19
C VAL A 410 -5.15 2.04 43.11
N ASP A 411 -6.28 1.59 42.58
CA ASP A 411 -7.23 0.78 43.33
C ASP A 411 -6.54 -0.50 43.81
N LEU A 412 -5.82 -1.19 42.90
CA LEU A 412 -5.15 -2.43 43.24
C LEU A 412 -4.01 -2.17 44.22
N GLU A 413 -3.32 -1.04 44.08
CA GLU A 413 -2.25 -0.60 44.97
C GLU A 413 -2.75 -0.51 46.42
N HIS A 414 -3.99 -0.07 46.69
CA HIS A 414 -4.49 0.01 48.06
C HIS A 414 -4.87 -1.38 48.62
C1 PEG B . -6.03 -14.57 -23.85
O1 PEG B . -5.73 -15.77 -24.56
C2 PEG B . -4.89 -13.58 -23.76
O2 PEG B . -5.20 -12.37 -24.47
C3 PEG B . -4.06 -11.71 -25.02
C4 PEG B . -4.33 -11.11 -26.40
O4 PEG B . -3.22 -11.31 -27.32
N1 PMP C . 3.30 -2.03 1.78
C2 PMP C . 2.57 -1.29 2.63
C2A PMP C . 3.04 0.09 2.96
C3 PMP C . 1.40 -1.79 3.19
O3 PMP C . 0.70 -0.97 4.03
C4 PMP C . 0.97 -3.09 2.85
C4A PMP C . -0.29 -3.70 3.42
N4A PMP C . -1.17 -2.72 4.05
C5 PMP C . 1.75 -3.85 1.97
C6 PMP C . 2.90 -3.27 1.44
C5A PMP C . 1.32 -5.21 1.55
O4P PMP C . 0.06 -5.07 0.82
P PMP C . -0.93 -6.29 0.49
O1P PMP C . -1.28 -6.93 1.83
O2P PMP C . -0.16 -7.22 -0.44
O3P PMP C . -2.12 -5.65 -0.16
C1 EDO D . -23.29 6.27 12.43
O1 EDO D . -22.25 7.21 12.26
C2 EDO D . -24.58 6.66 11.78
O2 EDO D . -25.61 5.83 12.26
#